data_5KHY
#
_entry.id   5KHY
#
_cell.length_a   103.975
_cell.length_b   103.975
_cell.length_c   103.975
_cell.angle_alpha   90.00
_cell.angle_beta   90.00
_cell.angle_gamma   90.00
#
_symmetry.space_group_name_H-M   'P 43 3 2'
#
loop_
_entity.id
_entity.type
_entity.pdbx_description
1 polymer Polyubiquitin-B
2 polymer Polyubiquitin-B
3 non-polymer 'ZINC ION'
4 non-polymer ETHANOLAMINE
#
loop_
_entity_poly.entity_id
_entity_poly.type
_entity_poly.pdbx_seq_one_letter_code
_entity_poly.pdbx_strand_id
1 'polypeptide(L)' MQIFV(19W)TLTGKTITLEVEPSDTIENVKAKIQDKEGIPPDQQRLIFAGKQLEDGRTLSDYNIQKESTLHLVLRL A
2 'polypeptide(L)' MQIFVKTLTGKTITLEVEPSDTIENVKAKIQDKEGIPPDQQRLIFAGKQLEDGRTLSDYNIQKESTLHLVLRLRG B
#
# COMPACT_ATOMS: atom_id res chain seq x y z
N MET A 1 -5.36 24.72 7.74
CA MET A 1 -4.67 24.11 6.59
C MET A 1 -5.68 23.15 5.99
N GLN A 2 -5.39 22.49 4.86
CA GLN A 2 -6.28 21.36 4.51
C GLN A 2 -5.74 20.38 3.46
N ILE A 3 -5.82 19.09 3.75
CA ILE A 3 -5.35 18.04 2.85
C ILE A 3 -6.53 17.12 2.53
N PHE A 4 -6.46 16.42 1.41
CA PHE A 4 -7.54 15.53 1.00
C PHE A 4 -7.16 14.08 1.23
N VAL A 5 -8.15 13.25 1.55
CA VAL A 5 -7.95 11.80 1.67
C VAL A 5 -8.91 11.06 0.75
N THR A 7 -10.43 7.66 -0.95
CA THR A 7 -10.60 6.25 -0.57
C THR A 7 -10.45 5.31 -1.77
N LEU A 8 -11.11 4.17 -1.69
CA LEU A 8 -11.09 3.19 -2.77
C LEU A 8 -12.15 3.50 -3.83
N THR A 9 -13.35 3.81 -3.38
CA THR A 9 -14.47 4.11 -4.28
C THR A 9 -14.47 5.58 -4.72
N GLY A 10 -13.32 6.23 -4.60
CA GLY A 10 -13.16 7.60 -5.07
C GLY A 10 -13.63 8.68 -4.11
N LYS A 11 -14.39 8.29 -3.08
CA LYS A 11 -14.95 9.24 -2.11
C LYS A 11 -13.88 10.14 -1.50
N THR A 12 -13.94 11.44 -1.81
CA THR A 12 -12.90 12.38 -1.40
C THR A 12 -13.25 13.18 -0.14
N ILE A 13 -12.62 12.86 0.98
CA ILE A 13 -12.87 13.54 2.26
C ILE A 13 -11.76 14.46 2.81
N THR A 14 -12.14 15.70 3.11
CA THR A 14 -11.25 16.73 3.61
C THR A 14 -10.87 16.59 5.06
N LEU A 15 -9.71 17.10 5.45
CA LEU A 15 -9.25 17.05 6.83
C LEU A 15 -8.64 18.36 7.32
N GLU A 16 -8.84 18.73 8.58
CA GLU A 16 -8.30 19.99 9.09
C GLU A 16 -6.78 20.05 9.07
N VAL A 17 -6.13 19.00 9.57
CA VAL A 17 -4.67 18.92 9.54
C VAL A 17 -3.81 19.66 10.53
N GLU A 18 -2.65 19.07 10.81
CA GLU A 18 -1.67 19.64 11.70
C GLU A 18 -0.42 19.64 10.85
N PRO A 19 0.36 20.78 10.84
CA PRO A 19 1.53 20.73 9.93
C PRO A 19 2.58 19.69 10.26
N SER A 20 2.91 19.50 11.52
CA SER A 20 3.91 18.54 11.92
C SER A 20 3.13 17.48 12.63
N ASP A 21 1.90 17.35 12.20
CA ASP A 21 0.97 16.41 12.84
C ASP A 21 1.44 15.01 12.41
N THR A 22 1.68 14.11 13.36
CA THR A 22 2.14 12.74 13.13
C THR A 22 1.10 11.98 12.31
N ILE A 23 1.44 10.78 11.85
CA ILE A 23 0.51 9.97 11.07
C ILE A 23 -0.52 9.29 11.98
N GLU A 24 -0.07 8.83 13.15
CA GLU A 24 -0.98 8.39 14.19
C GLU A 24 -2.10 9.41 14.23
N ASN A 25 -1.69 10.66 14.22
CA ASN A 25 -2.58 11.81 14.41
C ASN A 25 -3.62 11.93 13.31
N VAL A 26 -3.20 11.65 12.08
CA VAL A 26 -4.13 11.70 10.95
C VAL A 26 -5.16 10.58 11.02
N LYS A 27 -4.71 9.39 11.41
CA LYS A 27 -5.59 8.24 11.55
C LYS A 27 -6.71 8.51 12.55
N ALA A 28 -6.39 9.23 13.62
CA ALA A 28 -7.37 9.59 14.63
C ALA A 28 -8.40 10.57 14.09
N LYS A 29 -7.95 11.45 13.20
CA LYS A 29 -8.83 12.42 12.55
C LYS A 29 -9.80 11.72 11.62
N ILE A 30 -9.34 10.72 10.89
CA ILE A 30 -10.25 10.03 10.01
C ILE A 30 -11.32 9.36 10.87
N GLN A 31 -10.86 8.81 11.99
CA GLN A 31 -11.77 8.17 12.91
C GLN A 31 -12.73 9.16 13.52
N ASP A 32 -12.24 10.34 13.91
CA ASP A 32 -13.13 11.31 14.52
C ASP A 32 -14.18 11.60 13.42
N LYS A 33 -13.72 11.78 12.19
CA LYS A 33 -14.61 12.03 11.06
C LYS A 33 -15.49 10.92 10.46
N GLU A 34 -14.94 9.73 10.21
CA GLU A 34 -15.77 8.66 9.64
C GLU A 34 -15.75 7.30 10.33
N GLY A 35 -15.28 7.29 11.57
CA GLY A 35 -15.25 6.10 12.39
C GLY A 35 -14.54 4.80 12.07
N ILE A 36 -13.37 4.84 11.46
CA ILE A 36 -12.65 3.62 11.18
C ILE A 36 -11.47 3.65 12.12
N PRO A 37 -11.27 2.52 12.90
CA PRO A 37 -10.15 2.62 13.83
C PRO A 37 -8.81 2.80 13.16
N PRO A 38 -7.91 3.58 13.74
CA PRO A 38 -6.60 3.80 13.14
C PRO A 38 -5.87 2.49 12.80
N ASP A 39 -6.01 1.51 13.69
CA ASP A 39 -5.38 0.21 13.55
C ASP A 39 -5.89 -0.59 12.36
N GLN A 40 -6.74 0.04 11.56
CA GLN A 40 -7.33 -0.61 10.40
C GLN A 40 -6.88 0.06 9.11
N GLN A 41 -6.56 1.34 9.20
CA GLN A 41 -6.18 2.14 8.04
C GLN A 41 -4.68 2.14 7.79
N ARG A 42 -4.33 2.32 6.52
CA ARG A 42 -2.94 2.44 6.11
C ARG A 42 -2.97 3.61 5.15
N LEU A 43 -2.08 4.57 5.33
CA LEU A 43 -2.07 5.66 4.37
C LEU A 43 -0.86 5.66 3.47
N ILE A 44 -1.13 6.02 2.23
CA ILE A 44 -0.08 6.14 1.22
C ILE A 44 -0.07 7.55 0.64
N PHE A 45 1.15 8.03 0.40
CA PHE A 45 1.31 9.30 -0.23
C PHE A 45 2.33 9.16 -1.32
N ALA A 46 1.98 9.64 -2.49
CA ALA A 46 2.90 9.60 -3.62
C ALA A 46 3.68 8.29 -3.68
N GLY A 47 2.95 7.18 -3.61
CA GLY A 47 3.55 5.86 -3.74
C GLY A 47 4.01 5.23 -2.44
N LYS A 48 4.54 6.04 -1.53
CA LYS A 48 5.07 5.53 -0.27
C LYS A 48 3.97 5.33 0.77
N GLN A 49 4.09 4.26 1.55
CA GLN A 49 3.19 4.01 2.67
C GLN A 49 3.69 4.68 3.92
N LEU A 50 2.99 5.71 4.34
CA LEU A 50 3.40 6.46 5.53
C LEU A 50 3.28 5.64 6.82
N GLU A 51 4.23 5.86 7.73
CA GLU A 51 4.22 5.17 9.02
C GLU A 51 3.94 6.16 10.16
N ASP A 52 3.10 5.76 11.10
CA ASP A 52 2.75 6.63 12.24
C ASP A 52 4.00 7.07 12.97
N GLY A 53 3.97 8.27 13.54
CA GLY A 53 5.12 8.78 14.27
C GLY A 53 6.08 9.55 13.38
N ARG A 54 5.86 9.47 12.07
CA ARG A 54 6.49 10.39 11.13
C ARG A 54 5.46 11.48 10.85
N THR A 55 5.93 12.71 10.63
CA THR A 55 5.01 13.83 10.48
C THR A 55 4.72 14.14 9.01
N LEU A 56 3.63 14.87 8.77
CA LEU A 56 3.27 15.25 7.42
C LEU A 56 4.44 15.94 6.71
N SER A 57 5.16 16.77 7.46
CA SER A 57 6.30 17.51 6.92
C SER A 57 7.48 16.58 6.67
N ASP A 58 7.65 15.58 7.51
CA ASP A 58 8.69 14.58 7.31
C ASP A 58 8.58 13.99 5.90
N TYR A 59 7.37 14.01 5.34
CA TYR A 59 7.12 13.52 3.99
C TYR A 59 6.81 14.64 3.00
N ASN A 60 7.06 15.87 3.43
CA ASN A 60 6.83 17.06 2.62
C ASN A 60 5.43 17.31 2.05
N ILE A 61 4.42 17.09 2.87
CA ILE A 61 3.04 17.31 2.49
C ILE A 61 2.68 18.76 2.73
N GLN A 62 1.94 19.36 1.81
CA GLN A 62 1.57 20.74 1.94
C GLN A 62 0.09 20.92 1.73
N LYS A 63 -0.43 22.06 2.14
CA LYS A 63 -1.83 22.31 2.02
C LYS A 63 -2.18 22.18 0.56
N GLU A 64 -3.38 21.70 0.29
CA GLU A 64 -3.84 21.51 -1.07
C GLU A 64 -3.25 20.19 -1.58
N SER A 65 -2.46 19.54 -0.73
CA SER A 65 -1.84 18.27 -1.07
C SER A 65 -2.83 17.14 -0.98
N THR A 66 -2.57 16.06 -1.67
CA THR A 66 -3.50 14.93 -1.65
C THR A 66 -2.91 13.65 -1.14
N LEU A 67 -3.58 13.08 -0.16
CA LEU A 67 -3.18 11.82 0.43
C LEU A 67 -4.27 11.02 -0.16
N HIS A 68 -3.94 9.91 -0.78
CA HIS A 68 -5.03 9.21 -1.38
C HIS A 68 -6.05 8.81 -0.28
N LEU A 69 -5.63 8.40 0.94
CA LEU A 69 -4.25 8.08 1.32
C LEU A 69 -3.66 6.84 0.65
N VAL A 70 -4.46 5.78 0.56
CA VAL A 70 -5.81 5.71 1.12
C VAL A 70 -6.23 4.33 1.57
N LEU A 71 -7.20 4.29 2.46
CA LEU A 71 -7.73 3.03 2.91
C LEU A 71 -6.85 2.25 3.85
N ARG A 72 -7.29 1.02 4.10
CA ARG A 72 -6.62 0.12 5.02
C ARG A 72 -7.51 -1.06 5.37
N LEU A 73 -7.12 -1.80 6.40
CA LEU A 73 -7.90 -2.95 6.78
C LEU A 73 -7.27 -3.75 7.89
N MET B 1 9.82 -22.48 -1.55
CA MET B 1 10.87 -21.51 -1.81
C MET B 1 10.47 -20.10 -1.36
N GLN B 2 11.47 -19.25 -1.10
CA GLN B 2 11.22 -17.86 -0.70
C GLN B 2 11.36 -16.91 -1.88
N ILE B 3 10.64 -15.79 -1.82
CA ILE B 3 10.73 -14.76 -2.83
C ILE B 3 10.67 -13.46 -2.07
N PHE B 4 11.20 -12.40 -2.65
CA PHE B 4 11.20 -11.11 -1.99
C PHE B 4 10.39 -10.04 -2.67
N VAL B 5 9.64 -9.29 -1.88
CA VAL B 5 8.83 -8.22 -2.40
C VAL B 5 9.17 -6.86 -1.84
N LYS B 6 9.29 -5.87 -2.71
CA LYS B 6 9.60 -4.53 -2.24
C LYS B 6 8.27 -3.88 -1.97
N THR B 7 8.07 -3.51 -0.71
CA THR B 7 6.85 -2.88 -0.23
C THR B 7 6.74 -1.39 -0.55
N LEU B 8 5.54 -0.84 -0.39
CA LEU B 8 5.38 0.58 -0.62
C LEU B 8 6.22 1.16 0.47
N THR B 9 5.97 0.71 1.70
CA THR B 9 6.77 1.16 2.84
C THR B 9 8.23 1.23 2.41
N GLY B 10 8.63 0.18 1.72
CA GLY B 10 9.99 0.01 1.27
C GLY B 10 10.78 -1.02 2.04
N LYS B 11 10.28 -1.39 3.21
CA LYS B 11 10.96 -2.41 3.96
C LYS B 11 10.69 -3.64 3.16
N THR B 12 11.71 -4.43 2.90
CA THR B 12 11.50 -5.64 2.11
C THR B 12 10.65 -6.58 2.95
N ILE B 13 9.80 -7.33 2.28
CA ILE B 13 8.97 -8.29 2.98
C ILE B 13 9.24 -9.62 2.31
N THR B 14 9.01 -10.70 3.02
CA THR B 14 9.36 -12.03 2.50
C THR B 14 8.13 -12.94 2.33
N LEU B 15 8.12 -13.74 1.26
CA LEU B 15 7.01 -14.64 0.98
C LEU B 15 7.42 -16.11 0.85
N GLU B 16 6.50 -17.00 1.23
CA GLU B 16 6.68 -18.43 0.99
C GLU B 16 5.79 -18.87 -0.17
N VAL B 17 6.40 -19.14 -1.32
CA VAL B 17 5.65 -19.47 -2.51
C VAL B 17 6.02 -20.82 -3.10
N GLU B 18 5.34 -21.19 -4.17
CA GLU B 18 5.77 -22.33 -4.95
C GLU B 18 6.01 -21.88 -6.36
N PRO B 19 6.80 -22.68 -7.08
CA PRO B 19 7.12 -22.43 -8.48
C PRO B 19 5.89 -22.14 -9.35
N SER B 20 4.85 -22.94 -9.20
CA SER B 20 3.67 -22.83 -10.06
C SER B 20 2.51 -22.11 -9.37
N ASP B 21 2.84 -21.15 -8.52
CA ASP B 21 1.85 -20.30 -7.87
C ASP B 21 1.40 -19.22 -8.86
N THR B 22 0.11 -19.08 -9.08
CA THR B 22 -0.39 -18.02 -9.94
C THR B 22 -0.12 -16.66 -9.30
N ILE B 23 -0.35 -15.58 -10.05
CA ILE B 23 -0.14 -14.23 -9.51
C ILE B 23 -1.31 -13.82 -8.61
N GLU B 24 -2.52 -14.21 -8.94
CA GLU B 24 -3.57 -13.83 -8.03
C GLU B 24 -3.26 -14.53 -6.72
N ASN B 25 -2.54 -15.66 -6.79
CA ASN B 25 -2.16 -16.38 -5.58
C ASN B 25 -1.19 -15.59 -4.72
N VAL B 26 -0.26 -14.88 -5.36
CA VAL B 26 0.69 -14.06 -4.63
C VAL B 26 0.01 -12.86 -3.98
N LYS B 27 -0.91 -12.24 -4.68
CA LYS B 27 -1.58 -11.11 -4.10
C LYS B 27 -2.28 -11.55 -2.82
N ALA B 28 -2.95 -12.69 -2.86
CA ALA B 28 -3.68 -13.16 -1.68
C ALA B 28 -2.74 -13.34 -0.51
N LYS B 29 -1.50 -13.70 -0.79
CA LYS B 29 -0.51 -13.88 0.25
C LYS B 29 -0.19 -12.53 0.83
N ILE B 30 0.07 -11.58 -0.04
CA ILE B 30 0.37 -10.22 0.39
C ILE B 30 -0.80 -9.65 1.21
N GLN B 31 -2.02 -9.89 0.75
CA GLN B 31 -3.20 -9.49 1.50
C GLN B 31 -3.15 -10.04 2.92
N ASP B 32 -2.72 -11.29 3.06
CA ASP B 32 -2.63 -11.92 4.37
C ASP B 32 -1.58 -11.27 5.27
N LYS B 33 -0.51 -10.78 4.67
CA LYS B 33 0.60 -10.22 5.44
C LYS B 33 0.48 -8.71 5.63
N GLU B 34 -0.21 -8.00 4.74
CA GLU B 34 -0.32 -6.55 4.88
C GLU B 34 -1.68 -6.01 4.44
N GLY B 35 -2.70 -6.83 4.60
CA GLY B 35 -4.08 -6.40 4.61
C GLY B 35 -4.48 -5.57 3.40
N ILE B 36 -3.75 -5.73 2.30
CA ILE B 36 -4.02 -5.00 1.07
CA ILE B 36 -3.94 -4.95 1.11
C ILE B 36 -4.75 -5.85 0.04
N PRO B 37 -5.97 -5.50 -0.26
CA PRO B 37 -6.75 -6.28 -1.22
C PRO B 37 -6.00 -6.49 -2.51
N PRO B 38 -6.11 -7.66 -3.08
CA PRO B 38 -5.41 -7.94 -4.31
C PRO B 38 -5.73 -6.89 -5.34
N ASP B 39 -7.03 -6.70 -5.52
CA ASP B 39 -7.54 -5.77 -6.50
C ASP B 39 -6.96 -4.37 -6.42
N GLN B 40 -5.98 -4.16 -5.56
CA GLN B 40 -5.36 -2.85 -5.48
C GLN B 40 -3.88 -2.90 -5.76
N GLN B 41 -3.30 -4.09 -5.65
CA GLN B 41 -1.88 -4.26 -5.93
C GLN B 41 -1.60 -4.63 -7.38
N ARG B 42 -0.44 -4.21 -7.85
CA ARG B 42 0.06 -4.56 -9.16
C ARG B 42 1.51 -4.98 -8.99
N LEU B 43 1.89 -6.14 -9.47
CA LEU B 43 3.25 -6.51 -9.26
C LEU B 43 4.04 -6.45 -10.52
N ILE B 44 5.31 -6.10 -10.36
CA ILE B 44 6.26 -6.02 -11.45
C ILE B 44 7.49 -6.87 -11.12
N PHE B 45 7.99 -7.49 -12.17
CA PHE B 45 9.22 -8.16 -12.01
C PHE B 45 10.06 -7.78 -13.17
N ALA B 46 11.32 -7.64 -12.87
CA ALA B 46 12.31 -7.33 -13.91
C ALA B 46 11.70 -6.51 -15.05
N GLY B 47 11.04 -5.42 -14.68
CA GLY B 47 10.49 -4.50 -15.65
C GLY B 47 9.07 -4.78 -16.10
N LYS B 48 8.73 -6.07 -16.23
CA LYS B 48 7.41 -6.47 -16.71
C LYS B 48 6.38 -6.46 -15.58
N GLN B 49 5.15 -6.12 -15.92
CA GLN B 49 4.08 -6.12 -14.97
C GLN B 49 3.40 -7.45 -15.10
N LEU B 50 3.49 -8.25 -14.05
CA LEU B 50 2.88 -9.58 -14.04
C LEU B 50 1.35 -9.52 -14.00
N GLU B 51 0.72 -10.46 -14.71
CA GLU B 51 -0.74 -10.56 -14.73
C GLU B 51 -1.21 -11.84 -14.02
N ASP B 52 -2.25 -11.73 -13.19
CA ASP B 52 -2.78 -12.87 -12.46
C ASP B 52 -3.12 -14.01 -13.41
N GLY B 53 -3.00 -15.24 -12.94
CA GLY B 53 -3.31 -16.38 -13.78
C GLY B 53 -2.11 -16.87 -14.57
N ARG B 54 -1.01 -16.15 -14.48
CA ARG B 54 0.20 -16.67 -15.07
C ARG B 54 0.95 -17.03 -13.80
N THR B 55 1.87 -17.97 -13.88
CA THR B 55 2.55 -18.49 -12.70
C THR B 55 3.95 -17.91 -12.54
N LEU B 56 4.49 -18.02 -11.33
CA LEU B 56 5.84 -17.53 -11.05
C LEU B 56 6.83 -18.11 -12.06
N SER B 57 6.66 -19.38 -12.38
CA SER B 57 7.54 -20.08 -13.32
C SER B 57 7.32 -19.59 -14.75
N ASP B 58 6.10 -19.25 -15.11
CA ASP B 58 5.91 -18.79 -16.47
C ASP B 58 6.60 -17.44 -16.66
N TYR B 59 7.09 -16.86 -15.58
CA TYR B 59 7.79 -15.60 -15.67
C TYR B 59 9.26 -15.79 -15.31
N ASN B 60 9.68 -17.04 -15.27
CA ASN B 60 11.06 -17.36 -14.94
C ASN B 60 11.55 -16.84 -13.59
N ILE B 61 10.78 -17.04 -12.54
CA ILE B 61 11.18 -16.57 -11.21
C ILE B 61 11.64 -17.70 -10.30
N GLN B 62 12.80 -17.51 -9.67
CA GLN B 62 13.37 -18.52 -8.78
C GLN B 62 13.69 -18.09 -7.34
N LYS B 63 14.49 -18.87 -6.66
CA LYS B 63 14.78 -18.55 -5.28
C LYS B 63 15.39 -17.15 -5.12
N GLU B 64 15.03 -16.56 -3.99
CA GLU B 64 15.50 -15.28 -3.51
C GLU B 64 15.28 -14.12 -4.46
N SER B 65 14.48 -14.34 -5.49
CA SER B 65 14.24 -13.27 -6.44
C SER B 65 13.33 -12.25 -5.79
N THR B 66 13.29 -11.04 -6.33
CA THR B 66 12.42 -10.03 -5.74
C THR B 66 11.48 -9.32 -6.70
N LEU B 67 10.27 -9.11 -6.24
CA LEU B 67 9.31 -8.35 -7.01
C LEU B 67 8.98 -7.09 -6.26
N HIS B 68 9.11 -5.94 -6.92
CA HIS B 68 8.76 -4.66 -6.30
C HIS B 68 7.23 -4.58 -6.37
N LEU B 69 6.60 -3.70 -5.62
CA LEU B 69 5.13 -3.62 -5.64
C LEU B 69 4.56 -2.20 -5.65
N VAL B 70 3.32 -2.05 -6.08
CA VAL B 70 2.66 -0.75 -6.11
C VAL B 70 1.13 -0.87 -6.17
N LEU B 71 0.40 0.22 -5.91
CA LEU B 71 -1.06 0.19 -5.92
C LEU B 71 -1.72 0.62 -7.21
N ARG B 72 -2.78 -0.08 -7.59
CA ARG B 72 -3.49 0.24 -8.81
C ARG B 72 -4.14 1.62 -8.83
N LEU B 73 -4.73 2.06 -7.73
CA LEU B 73 -5.36 3.37 -7.73
C LEU B 73 -6.32 3.47 -8.90
N ARG B 74 -7.24 2.52 -8.98
CA ARG B 74 -8.21 2.47 -10.08
C ARG B 74 -9.12 3.68 -10.27
N GLY B 75 -9.60 4.28 -9.19
CA GLY B 75 -10.47 5.43 -9.33
C GLY B 75 -9.80 6.75 -9.03
#